data_7PSH
#
_entry.id   7PSH
#
_cell.length_a   82.865
_cell.length_b   44.149
_cell.length_c   136.277
_cell.angle_alpha   90.000
_cell.angle_beta   97.577
_cell.angle_gamma   90.000
#
_symmetry.space_group_name_H-M   'I 1 2 1'
#
loop_
_entity.id
_entity.type
_entity.pdbx_description
1 polymer Beta-glucuronidase
2 water water
#
_entity_poly.entity_id   1
_entity_poly.type   'polypeptide(L)'
_entity_poly.pdbx_seq_one_letter_code
;MAFARGGLAQTASQTTSSPVRVGLSVDASALGHTIPPDYTGLSYEQAQMANPNYFSGANTQLAGFLRTLGRQGVLRIGGN
TSEYTFWNRHAKPTAADEHLAAGPDKGHHAAAREVITPEAVNNLSEFLDKTGWKLIYGLNLGKGTPENAADEAAYVMETI
GADRLLAFQLGNEPDLFYRNGIRPASYDFAAYAGDWQRFFTAIRKRVPNAPFAGPDTAYNTKWLVPFADKFKHDVKFISS
HYYAEGPPTDPSMTIERLMKPNPRLLGETAGLKQVEADTGLPFRLTETNSCYQGGKQGVSDTFAAALWAGDLMYQQAAAG
STGINFHGGGYGWYTPVAGTPEDGFIARPEYYGMLLFAQAGAGQLLGAKLTDNSAAPLLTAYALRGTDGRTRIALFNKNL
DADVEVAISGVASPSGTVLRLEAPRADDTTDVTFGGAPVGASGSWSPLVQEYVPGHSGQFVLHMRKASGALLEFA
;
_entity_poly.pdbx_strand_id   A
#
# COMPACT_ATOMS: atom_id res chain seq x y z
N LEU A 8 4.26 4.68 28.92
CA LEU A 8 4.19 6.06 28.36
C LEU A 8 5.02 7.03 29.24
N ALA A 9 6.20 7.44 28.74
CA ALA A 9 7.08 8.46 29.35
C ALA A 9 6.64 9.85 28.87
N GLN A 10 6.50 10.82 29.79
CA GLN A 10 6.24 12.24 29.45
C GLN A 10 7.50 12.80 28.77
N THR A 11 7.35 13.38 27.58
CA THR A 11 8.44 14.04 26.82
C THR A 11 8.07 15.52 26.68
N ALA A 12 9.00 16.41 27.02
CA ALA A 12 8.90 17.87 26.76
C ALA A 12 8.67 18.07 25.26
N SER A 13 7.91 19.10 24.92
CA SER A 13 7.59 19.48 23.52
C SER A 13 8.90 19.73 22.76
N GLN A 14 9.06 19.08 21.60
CA GLN A 14 10.34 19.09 20.85
C GLN A 14 10.45 20.42 20.11
N THR A 15 11.64 21.00 20.11
CA THR A 15 11.96 22.25 19.37
C THR A 15 13.17 22.01 18.48
N THR A 16 13.23 22.75 17.38
CA THR A 16 14.38 22.80 16.43
C THR A 16 15.02 24.19 16.60
N SER A 17 16.25 24.35 16.12
CA SER A 17 17.13 25.54 16.34
C SER A 17 16.82 26.66 15.33
N SER A 18 16.76 26.33 14.03
CA SER A 18 16.55 27.31 12.92
C SER A 18 15.46 26.82 11.95
N PRO A 19 14.25 26.51 12.45
CA PRO A 19 13.26 25.85 11.61
C PRO A 19 12.64 26.78 10.55
N VAL A 20 12.17 26.23 9.45
CA VAL A 20 11.30 27.00 8.53
C VAL A 20 9.96 27.11 9.20
N ARG A 21 9.46 28.31 9.38
CA ARG A 21 8.17 28.54 10.04
C ARG A 21 7.10 28.55 8.98
N VAL A 22 6.23 27.53 9.04
CA VAL A 22 5.17 27.37 8.04
C VAL A 22 3.81 27.42 8.75
N GLY A 23 2.76 27.75 8.01
CA GLY A 23 1.40 27.69 8.54
C GLY A 23 0.67 26.49 7.94
N LEU A 24 -0.16 25.92 8.76
CA LEU A 24 -1.08 24.85 8.36
C LEU A 24 -2.45 25.24 8.85
N SER A 25 -3.34 25.37 7.90
CA SER A 25 -4.75 25.72 8.17
C SER A 25 -5.69 24.57 7.86
N VAL A 26 -6.32 24.07 8.88
CA VAL A 26 -7.25 22.94 8.74
C VAL A 26 -8.61 23.56 8.47
N ASP A 27 -9.34 23.01 7.55
CA ASP A 27 -10.72 23.47 7.23
C ASP A 27 -11.66 22.27 7.31
N ALA A 28 -12.41 22.17 8.39
CA ALA A 28 -13.39 21.09 8.61
C ALA A 28 -14.54 21.13 7.60
N SER A 29 -14.69 22.23 6.86
CA SER A 29 -15.73 22.37 5.84
C SER A 29 -15.24 21.98 4.47
N ALA A 30 -13.94 21.73 4.33
CA ALA A 30 -13.33 21.42 3.02
C ALA A 30 -13.26 19.91 2.91
N LEU A 31 -14.34 19.26 2.59
CA LEU A 31 -14.48 17.79 2.70
C LEU A 31 -13.80 17.12 1.54
N GLY A 32 -12.94 16.18 1.89
CA GLY A 32 -12.32 15.29 0.90
C GLY A 32 -12.97 13.94 0.94
N HIS A 33 -12.21 12.96 0.45
CA HIS A 33 -12.66 11.56 0.40
C HIS A 33 -12.66 10.95 1.79
N THR A 34 -13.52 9.97 1.96
CA THR A 34 -13.61 9.15 3.15
C THR A 34 -12.72 7.94 2.94
N ILE A 35 -11.74 7.75 3.80
CA ILE A 35 -10.82 6.60 3.72
C ILE A 35 -11.59 5.39 4.14
N PRO A 36 -11.60 4.34 3.31
CA PRO A 36 -12.30 3.12 3.71
C PRO A 36 -11.49 2.33 4.73
N PRO A 37 -12.16 1.47 5.52
CA PRO A 37 -11.44 0.77 6.58
C PRO A 37 -10.46 -0.27 6.05
N ASP A 38 -10.65 -0.71 4.80
CA ASP A 38 -9.76 -1.72 4.19
C ASP A 38 -8.82 -1.08 3.19
N TYR A 39 -8.48 0.17 3.42
CA TYR A 39 -7.56 0.89 2.50
C TYR A 39 -6.16 0.27 2.51
N THR A 40 -5.63 -0.12 3.67
CA THR A 40 -4.25 -0.60 3.72
C THR A 40 -4.18 -1.95 3.03
N GLY A 41 -2.93 -2.34 2.79
CA GLY A 41 -2.71 -3.65 2.22
C GLY A 41 -1.28 -3.90 1.87
N LEU A 42 -1.06 -5.15 1.51
CA LEU A 42 0.26 -5.66 1.15
C LEU A 42 0.11 -6.47 -0.11
N SER A 43 1.17 -6.57 -0.87
CA SER A 43 1.23 -7.38 -2.08
C SER A 43 2.39 -8.33 -1.93
N TYR A 44 2.19 -9.56 -2.37
CA TYR A 44 3.22 -10.62 -2.35
C TYR A 44 3.18 -11.35 -3.67
N GLU A 45 4.29 -12.01 -3.93
CA GLU A 45 4.40 -12.87 -5.11
C GLU A 45 3.60 -14.14 -4.89
N GLN A 46 2.95 -14.55 -5.94
CA GLN A 46 2.15 -15.79 -5.97
C GLN A 46 3.06 -16.97 -5.68
N ALA A 47 4.32 -16.92 -6.09
CA ALA A 47 5.26 -18.03 -5.80
C ALA A 47 5.33 -18.30 -4.32
N GLN A 48 5.04 -17.33 -3.47
CA GLN A 48 5.12 -17.63 -2.04
C GLN A 48 4.16 -18.73 -1.65
N MET A 49 3.06 -18.89 -2.36
CA MET A 49 2.07 -19.97 -2.10
C MET A 49 2.64 -21.35 -2.40
N ALA A 50 3.79 -21.47 -3.00
CA ALA A 50 4.46 -22.79 -3.12
C ALA A 50 4.81 -23.32 -1.74
N ASN A 51 4.92 -22.45 -0.74
CA ASN A 51 5.25 -22.85 0.65
C ASN A 51 3.96 -22.74 1.43
N PRO A 52 3.23 -23.82 1.77
CA PRO A 52 1.99 -23.69 2.53
C PRO A 52 2.16 -23.22 3.99
N ASN A 53 3.39 -23.10 4.46
CA ASN A 53 3.66 -22.59 5.83
C ASN A 53 3.68 -21.06 5.85
N TYR A 54 3.66 -20.42 4.68
CA TYR A 54 3.90 -18.96 4.69
C TYR A 54 2.60 -18.26 5.01
N PHE A 55 1.61 -18.35 4.10
CA PHE A 55 0.27 -17.85 4.40
C PHE A 55 -0.47 -18.99 5.04
N SER A 56 -0.28 -19.09 6.35
CA SER A 56 -0.84 -20.21 7.15
C SER A 56 -1.34 -19.69 8.48
N GLY A 57 -2.35 -20.32 9.05
CA GLY A 57 -2.77 -19.98 10.41
C GLY A 57 -1.67 -20.23 11.40
N ALA A 58 -0.71 -21.08 11.10
CA ALA A 58 0.48 -21.30 11.96
C ALA A 58 1.43 -20.08 11.95
N ASN A 59 1.36 -19.25 10.90
CA ASN A 59 2.30 -18.10 10.77
C ASN A 59 1.74 -16.96 11.58
N THR A 60 1.75 -17.10 12.86
CA THR A 60 1.22 -16.11 13.81
C THR A 60 2.04 -14.81 13.73
N GLN A 61 3.30 -14.91 13.54
CA GLN A 61 4.14 -13.71 13.47
C GLN A 61 3.62 -12.81 12.34
N LEU A 62 3.64 -13.36 11.15
CA LEU A 62 3.24 -12.51 10.00
C LEU A 62 1.83 -12.03 10.21
N ALA A 63 0.90 -12.86 10.65
CA ALA A 63 -0.48 -12.40 10.85
C ALA A 63 -0.49 -11.20 11.80
N GLY A 64 0.33 -11.25 12.85
CA GLY A 64 0.40 -10.13 13.77
C GLY A 64 0.86 -8.83 13.12
N PHE A 65 1.85 -8.94 12.27
CA PHE A 65 2.28 -7.75 11.52
C PHE A 65 1.14 -7.20 10.68
N LEU A 66 0.36 -8.05 10.06
CA LEU A 66 -0.75 -7.51 9.23
C LEU A 66 -1.80 -6.86 10.14
N ARG A 67 -2.13 -7.50 11.25
CA ARG A 67 -3.18 -6.92 12.11
C ARG A 67 -2.76 -5.56 12.59
N THR A 68 -1.51 -5.35 12.90
CA THR A 68 -1.05 -4.05 13.37
C THR A 68 -1.22 -3.02 12.26
N LEU A 69 -1.06 -3.40 11.01
CA LEU A 69 -1.25 -2.46 9.89
C LEU A 69 -2.71 -2.12 9.69
N GLY A 70 -3.65 -2.96 10.10
CA GLY A 70 -5.06 -2.61 10.01
C GLY A 70 -5.92 -3.73 10.49
N ARG A 71 -7.00 -3.37 11.15
CA ARG A 71 -8.03 -4.35 11.48
C ARG A 71 -8.71 -4.85 10.20
N GLN A 72 -8.78 -4.02 9.17
CA GLN A 72 -9.18 -4.42 7.85
C GLN A 72 -8.08 -3.98 6.90
N GLY A 73 -8.02 -4.67 5.80
CA GLY A 73 -6.95 -4.49 4.81
C GLY A 73 -7.05 -5.54 3.76
N VAL A 74 -6.20 -5.49 2.76
CA VAL A 74 -6.23 -6.47 1.67
C VAL A 74 -4.87 -7.07 1.47
N LEU A 75 -4.85 -8.38 1.40
CA LEU A 75 -3.66 -9.12 0.97
C LEU A 75 -3.80 -9.45 -0.49
N ARG A 76 -2.90 -8.95 -1.31
CA ARG A 76 -2.90 -9.23 -2.75
C ARG A 76 -1.76 -10.17 -3.03
N ILE A 77 -2.04 -11.21 -3.75
CA ILE A 77 -1.05 -12.24 -4.15
C ILE A 77 -1.01 -12.24 -5.65
N GLY A 78 0.09 -11.99 -6.26
CA GLY A 78 0.20 -11.93 -7.70
C GLY A 78 1.61 -11.72 -8.14
N GLY A 79 1.90 -10.62 -8.90
CA GLY A 79 3.26 -10.31 -9.30
C GLY A 79 3.70 -11.11 -10.52
N ASN A 80 4.95 -10.99 -10.85
CA ASN A 80 5.52 -11.63 -12.07
C ASN A 80 5.58 -13.14 -11.87
N THR A 81 5.57 -13.62 -10.64
CA THR A 81 5.63 -15.07 -10.41
C THR A 81 4.27 -15.67 -10.69
N SER A 82 3.21 -14.92 -10.80
CA SER A 82 1.89 -15.48 -11.14
C SER A 82 1.91 -16.05 -12.55
N GLU A 83 2.94 -15.74 -13.35
CA GLU A 83 2.88 -16.36 -14.70
CA GLU A 83 3.19 -16.24 -14.73
C GLU A 83 3.63 -17.69 -14.66
N TYR A 84 4.22 -18.07 -13.55
N TYR A 84 4.40 -18.12 -13.65
CA TYR A 84 5.19 -19.17 -13.39
CA TYR A 84 5.02 -19.46 -13.61
C TYR A 84 4.66 -20.15 -12.35
C TYR A 84 4.65 -20.19 -12.34
N THR A 85 3.49 -19.82 -11.79
CA THR A 85 2.93 -20.53 -10.63
C THR A 85 1.70 -21.25 -11.12
N PHE A 86 1.67 -22.55 -10.91
CA PHE A 86 0.64 -23.44 -11.47
C PHE A 86 -0.04 -24.20 -10.35
N TRP A 87 -1.32 -24.03 -10.30
CA TRP A 87 -2.22 -24.84 -9.46
C TRP A 87 -2.31 -26.30 -9.93
N ASN A 88 -2.31 -27.21 -8.97
N ASN A 88 -2.33 -27.21 -8.98
CA ASN A 88 -2.39 -28.66 -9.22
CA ASN A 88 -2.51 -28.64 -9.29
C ASN A 88 -3.27 -29.19 -8.12
C ASN A 88 -3.27 -29.21 -8.13
N ARG A 89 -4.44 -29.74 -8.42
CA ARG A 89 -5.33 -30.27 -7.41
C ARG A 89 -4.75 -31.56 -6.83
N HIS A 90 -3.77 -32.06 -7.59
N HIS A 90 -3.86 -32.23 -7.57
CA HIS A 90 -3.23 -33.44 -7.64
CA HIS A 90 -3.37 -33.60 -7.26
C HIS A 90 -1.91 -33.50 -6.85
C HIS A 90 -2.01 -33.57 -6.55
N ALA A 91 -1.49 -32.37 -6.25
CA ALA A 91 -0.15 -32.19 -5.66
C ALA A 91 -0.26 -32.00 -4.15
N LYS A 92 0.87 -32.27 -3.47
CA LYS A 92 1.11 -32.03 -2.03
C LYS A 92 2.44 -31.28 -1.87
N ARG A 113 9.46 -22.49 -12.16
CA ARG A 113 8.09 -23.05 -12.09
C ARG A 113 7.73 -23.40 -10.64
N GLU A 114 6.54 -23.00 -10.19
CA GLU A 114 6.11 -23.33 -8.82
C GLU A 114 4.68 -23.88 -8.86
N VAL A 115 4.33 -24.64 -7.84
CA VAL A 115 3.04 -25.35 -7.82
C VAL A 115 2.24 -24.91 -6.57
N ILE A 116 1.00 -24.57 -6.76
CA ILE A 116 0.06 -24.30 -5.65
C ILE A 116 -0.83 -25.53 -5.50
N THR A 117 -0.95 -25.96 -4.25
CA THR A 117 -1.68 -27.19 -3.82
C THR A 117 -2.96 -26.77 -3.10
N PRO A 118 -3.99 -27.65 -2.97
CA PRO A 118 -5.10 -27.39 -2.09
C PRO A 118 -4.64 -27.02 -0.67
N GLU A 119 -3.60 -27.67 -0.18
CA GLU A 119 -3.12 -27.41 1.19
C GLU A 119 -2.80 -25.91 1.30
N ALA A 120 -2.10 -25.40 0.30
CA ALA A 120 -1.66 -23.99 0.37
C ALA A 120 -2.87 -23.07 0.38
N VAL A 121 -3.90 -23.40 -0.36
CA VAL A 121 -5.12 -22.59 -0.39
C VAL A 121 -5.86 -22.69 0.94
N ASN A 122 -5.95 -23.92 1.45
CA ASN A 122 -6.56 -24.16 2.77
C ASN A 122 -5.87 -23.28 3.82
N ASN A 123 -4.55 -23.32 3.81
CA ASN A 123 -3.77 -22.59 4.82
C ASN A 123 -3.93 -21.08 4.64
N LEU A 124 -4.02 -20.63 3.39
CA LEU A 124 -4.25 -19.18 3.13
C LEU A 124 -5.58 -18.80 3.71
N SER A 125 -6.60 -19.63 3.64
CA SER A 125 -7.87 -19.29 4.25
C SER A 125 -7.70 -19.07 5.76
N GLU A 126 -6.97 -19.96 6.39
CA GLU A 126 -6.79 -19.82 7.87
C GLU A 126 -6.00 -18.54 8.17
N PHE A 127 -5.04 -18.20 7.32
CA PHE A 127 -4.29 -16.95 7.48
C PHE A 127 -5.21 -15.78 7.38
N LEU A 128 -6.09 -15.70 6.42
CA LEU A 128 -7.04 -14.60 6.26
C LEU A 128 -7.92 -14.54 7.49
N ASP A 129 -8.32 -15.70 8.03
CA ASP A 129 -9.17 -15.68 9.24
C ASP A 129 -8.42 -15.06 10.41
N LYS A 130 -7.14 -15.30 10.53
CA LYS A 130 -6.36 -14.77 11.67
C LYS A 130 -6.11 -13.28 11.51
N THR A 131 -6.13 -12.77 10.29
CA THR A 131 -5.74 -11.36 10.03
C THR A 131 -6.98 -10.53 9.93
N GLY A 132 -8.11 -11.08 9.52
CA GLY A 132 -9.29 -10.30 9.11
C GLY A 132 -9.16 -9.51 7.80
N TRP A 133 -8.13 -9.76 7.02
CA TRP A 133 -7.95 -9.09 5.72
C TRP A 133 -8.67 -9.85 4.60
N LYS A 134 -8.97 -9.16 3.55
CA LYS A 134 -9.56 -9.74 2.33
C LYS A 134 -8.45 -10.04 1.33
N LEU A 135 -8.77 -10.76 0.29
CA LEU A 135 -7.79 -11.34 -0.63
C LEU A 135 -8.02 -10.88 -2.08
N ILE A 136 -6.93 -10.50 -2.74
CA ILE A 136 -6.89 -10.40 -4.21
C ILE A 136 -5.97 -11.48 -4.67
N TYR A 137 -6.42 -12.35 -5.57
CA TYR A 137 -5.70 -13.60 -5.89
C TYR A 137 -5.42 -13.68 -7.37
N GLY A 138 -4.16 -13.78 -7.73
CA GLY A 138 -3.76 -13.87 -9.12
C GLY A 138 -4.01 -15.23 -9.71
N LEU A 139 -4.41 -15.26 -10.94
CA LEU A 139 -4.51 -16.49 -11.75
C LEU A 139 -3.57 -16.41 -12.90
N ASN A 140 -3.16 -17.55 -13.42
CA ASN A 140 -2.04 -17.63 -14.36
C ASN A 140 -2.56 -17.49 -15.78
N LEU A 141 -2.71 -16.30 -16.28
CA LEU A 141 -3.08 -16.04 -17.67
C LEU A 141 -1.84 -16.03 -18.56
N GLY A 142 -0.68 -15.77 -18.05
CA GLY A 142 0.49 -15.68 -18.93
C GLY A 142 0.84 -17.04 -19.48
N LYS A 143 0.84 -18.07 -18.69
CA LYS A 143 1.30 -19.41 -19.18
C LYS A 143 0.26 -20.47 -18.91
N GLY A 144 -0.71 -20.26 -18.03
CA GLY A 144 -1.64 -21.34 -17.69
C GLY A 144 -2.77 -21.45 -18.66
N THR A 145 -3.68 -22.37 -18.40
CA THR A 145 -4.85 -22.59 -19.25
C THR A 145 -6.09 -21.96 -18.63
N PRO A 146 -7.09 -21.59 -19.42
CA PRO A 146 -8.37 -21.16 -18.87
C PRO A 146 -8.98 -22.18 -17.91
N GLU A 147 -8.88 -23.45 -18.24
CA GLU A 147 -9.52 -24.54 -17.48
C GLU A 147 -8.80 -24.67 -16.16
N ASN A 148 -7.48 -24.56 -16.13
CA ASN A 148 -6.77 -24.65 -14.85
C ASN A 148 -7.08 -23.40 -14.02
N ALA A 149 -7.21 -22.22 -14.63
CA ALA A 149 -7.57 -21.02 -13.88
C ALA A 149 -8.95 -21.22 -13.28
N ALA A 150 -9.87 -21.79 -14.03
CA ALA A 150 -11.23 -21.98 -13.54
C ALA A 150 -11.20 -22.95 -12.35
N ASP A 151 -10.36 -23.98 -12.43
CA ASP A 151 -10.32 -24.99 -11.38
C ASP A 151 -9.73 -24.37 -10.13
N GLU A 152 -8.68 -23.57 -10.28
CA GLU A 152 -8.00 -22.87 -9.16
C GLU A 152 -9.00 -21.89 -8.55
N ALA A 153 -9.65 -21.11 -9.37
CA ALA A 153 -10.64 -20.12 -8.90
C ALA A 153 -11.71 -20.87 -8.12
N ALA A 154 -12.20 -22.00 -8.64
CA ALA A 154 -13.26 -22.75 -7.97
C ALA A 154 -12.78 -23.18 -6.58
N TYR A 155 -11.56 -23.63 -6.46
CA TYR A 155 -11.07 -24.11 -5.18
C TYR A 155 -10.92 -22.93 -4.22
N VAL A 156 -10.39 -21.82 -4.73
CA VAL A 156 -10.26 -20.61 -3.87
C VAL A 156 -11.65 -20.18 -3.45
N MET A 157 -12.62 -20.09 -4.30
CA MET A 157 -13.97 -19.68 -3.89
C MET A 157 -14.50 -20.68 -2.88
N GLU A 158 -14.29 -21.97 -3.08
CA GLU A 158 -14.79 -23.03 -2.18
C GLU A 158 -14.24 -22.80 -0.77
N THR A 159 -12.97 -22.46 -0.69
CA THR A 159 -12.22 -22.52 0.57
C THR A 159 -12.12 -21.15 1.24
N ILE A 160 -11.93 -20.12 0.46
CA ILE A 160 -11.77 -18.76 1.03
C ILE A 160 -13.14 -18.14 1.10
N GLY A 161 -13.98 -18.34 0.13
CA GLY A 161 -15.38 -17.87 0.21
C GLY A 161 -15.56 -16.45 -0.30
N ALA A 162 -16.76 -16.08 -0.65
CA ALA A 162 -17.04 -14.84 -1.37
C ALA A 162 -16.78 -13.65 -0.43
N ASP A 163 -17.00 -13.79 0.88
CA ASP A 163 -16.89 -12.61 1.76
C ASP A 163 -15.42 -12.16 1.79
N ARG A 164 -14.50 -13.09 1.82
CA ARG A 164 -13.07 -12.76 2.02
C ARG A 164 -12.38 -12.59 0.66
N LEU A 165 -12.87 -13.15 -0.41
CA LEU A 165 -12.26 -12.97 -1.72
C LEU A 165 -12.78 -11.71 -2.37
N LEU A 166 -11.92 -10.73 -2.49
CA LEU A 166 -12.27 -9.45 -3.10
C LEU A 166 -12.22 -9.54 -4.60
N ALA A 167 -11.21 -10.15 -5.20
CA ALA A 167 -11.09 -10.21 -6.64
C ALA A 167 -10.05 -11.22 -7.05
N PHE A 168 -10.28 -11.86 -8.18
CA PHE A 168 -9.25 -12.51 -8.95
C PHE A 168 -8.65 -11.52 -9.93
N GLN A 169 -7.38 -11.75 -10.25
CA GLN A 169 -6.77 -10.98 -11.35
C GLN A 169 -6.22 -11.90 -12.39
N LEU A 170 -6.43 -11.61 -13.63
CA LEU A 170 -6.03 -12.45 -14.76
C LEU A 170 -4.75 -11.87 -15.36
N GLY A 171 -3.67 -12.30 -14.79
CA GLY A 171 -2.34 -11.87 -15.23
C GLY A 171 -1.92 -10.55 -14.60
N ASN A 172 -0.64 -10.50 -14.41
CA ASN A 172 0.07 -9.35 -13.79
C ASN A 172 0.78 -8.59 -14.90
N GLU A 173 0.56 -7.30 -15.03
CA GLU A 173 1.33 -6.45 -15.96
C GLU A 173 1.39 -7.10 -17.34
N PRO A 174 0.22 -7.36 -17.93
CA PRO A 174 0.20 -8.00 -19.24
C PRO A 174 0.86 -7.18 -20.34
N ASP A 175 0.94 -5.89 -20.15
CA ASP A 175 1.65 -4.99 -21.09
C ASP A 175 3.13 -5.27 -21.08
N LEU A 176 3.67 -6.00 -20.12
CA LEU A 176 5.11 -6.32 -20.04
C LEU A 176 5.33 -7.79 -20.32
N PHE A 177 4.30 -8.53 -20.73
CA PHE A 177 4.50 -9.99 -21.00
C PHE A 177 5.63 -10.18 -21.99
N TYR A 178 5.72 -9.28 -22.94
CA TYR A 178 6.71 -9.39 -24.06
C TYR A 178 8.13 -9.26 -23.50
N ARG A 179 8.35 -8.50 -22.43
CA ARG A 179 9.72 -8.28 -21.90
C ARG A 179 10.30 -9.58 -21.30
N ASN A 180 9.47 -10.61 -21.08
CA ASN A 180 9.87 -11.93 -20.53
C ASN A 180 9.63 -13.03 -21.57
N GLY A 181 9.15 -12.68 -22.76
CA GLY A 181 8.79 -13.66 -23.80
C GLY A 181 7.59 -14.49 -23.41
N ILE A 182 6.81 -14.03 -22.39
CA ILE A 182 5.52 -14.63 -21.96
C ILE A 182 4.52 -14.49 -23.12
N ARG A 183 4.70 -13.44 -23.91
CA ARG A 183 3.98 -13.20 -25.15
C ARG A 183 5.05 -12.70 -26.12
N PRO A 184 4.74 -12.82 -27.41
CA PRO A 184 5.58 -12.25 -28.46
C PRO A 184 5.46 -10.73 -28.40
N ALA A 185 6.41 -10.04 -29.04
CA ALA A 185 6.45 -8.57 -29.00
C ALA A 185 5.16 -8.01 -29.62
N SER A 186 4.44 -8.77 -30.42
CA SER A 186 3.19 -8.31 -31.04
C SER A 186 1.98 -8.23 -30.04
N TYR A 187 2.13 -8.80 -28.85
CA TYR A 187 1.00 -8.87 -27.90
C TYR A 187 0.54 -7.45 -27.60
N ASP A 188 -0.72 -7.17 -27.80
CA ASP A 188 -1.28 -5.83 -27.58
C ASP A 188 -2.59 -5.96 -26.81
N PHE A 189 -3.31 -4.88 -26.62
CA PHE A 189 -4.56 -4.92 -25.81
C PHE A 189 -5.54 -5.88 -26.46
N ALA A 190 -5.68 -5.86 -27.78
CA ALA A 190 -6.67 -6.71 -28.46
C ALA A 190 -6.33 -8.19 -28.20
N ALA A 191 -5.07 -8.55 -28.19
CA ALA A 191 -4.70 -9.95 -27.93
C ALA A 191 -5.00 -10.26 -26.46
N TYR A 192 -4.70 -9.35 -25.56
CA TYR A 192 -4.90 -9.56 -24.12
C TYR A 192 -6.41 -9.60 -23.88
N ALA A 193 -7.21 -8.75 -24.49
CA ALA A 193 -8.66 -8.80 -24.27
C ALA A 193 -9.20 -10.18 -24.64
N GLY A 194 -8.69 -10.76 -25.72
CA GLY A 194 -9.14 -12.09 -26.14
C GLY A 194 -8.75 -13.07 -25.05
N ASP A 195 -7.53 -13.03 -24.57
CA ASP A 195 -7.13 -13.91 -23.49
C ASP A 195 -8.07 -13.71 -22.27
N TRP A 196 -8.21 -12.47 -21.87
CA TRP A 196 -8.94 -12.13 -20.64
C TRP A 196 -10.33 -12.73 -20.74
N GLN A 197 -10.96 -12.49 -21.88
CA GLN A 197 -12.33 -13.03 -22.07
C GLN A 197 -12.36 -14.54 -22.02
N ARG A 198 -11.41 -15.20 -22.64
CA ARG A 198 -11.43 -16.67 -22.60
C ARG A 198 -11.33 -17.15 -21.15
N PHE A 199 -10.42 -16.57 -20.39
CA PHE A 199 -10.26 -16.95 -18.99
C PHE A 199 -11.49 -16.59 -18.19
N PHE A 200 -12.01 -15.40 -18.33
CA PHE A 200 -13.21 -14.97 -17.60
C PHE A 200 -14.32 -15.96 -17.87
N THR A 201 -14.57 -16.28 -19.14
CA THR A 201 -15.70 -17.17 -19.46
C THR A 201 -15.47 -18.51 -18.80
N ALA A 202 -14.28 -19.08 -18.89
CA ALA A 202 -14.02 -20.39 -18.28
C ALA A 202 -14.22 -20.33 -16.77
N ILE A 203 -13.72 -19.29 -16.14
CA ILE A 203 -13.82 -19.18 -14.68
C ILE A 203 -15.28 -19.03 -14.32
N ARG A 204 -16.01 -18.20 -15.00
CA ARG A 204 -17.42 -17.96 -14.61
C ARG A 204 -18.25 -19.24 -14.81
N LYS A 205 -17.86 -20.15 -15.68
CA LYS A 205 -18.61 -21.44 -15.76
C LYS A 205 -18.43 -22.20 -14.47
N ARG A 206 -17.27 -22.22 -13.86
CA ARG A 206 -16.99 -22.93 -12.61
C ARG A 206 -17.41 -22.09 -11.40
N VAL A 207 -17.42 -20.78 -11.51
CA VAL A 207 -17.58 -19.90 -10.33
C VAL A 207 -18.43 -18.75 -10.77
N PRO A 208 -19.76 -18.89 -10.76
CA PRO A 208 -20.60 -17.90 -11.41
C PRO A 208 -20.53 -16.52 -10.78
N ASN A 209 -20.14 -16.50 -9.51
CA ASN A 209 -20.03 -15.27 -8.71
C ASN A 209 -18.57 -14.77 -8.67
N ALA A 210 -17.67 -15.33 -9.45
CA ALA A 210 -16.24 -14.92 -9.37
C ALA A 210 -16.10 -13.43 -9.59
N PRO A 211 -15.49 -12.70 -8.65
CA PRO A 211 -15.19 -11.30 -8.88
C PRO A 211 -13.81 -11.12 -9.49
N PHE A 212 -13.70 -10.08 -10.28
CA PHE A 212 -12.44 -9.76 -10.98
C PHE A 212 -12.02 -8.33 -10.77
N ALA A 213 -10.75 -8.08 -10.92
CA ALA A 213 -10.20 -6.74 -11.04
C ALA A 213 -9.14 -6.83 -12.10
N GLY A 214 -8.80 -5.71 -12.71
CA GLY A 214 -7.75 -5.67 -13.70
C GLY A 214 -7.51 -4.23 -14.10
N PRO A 215 -6.51 -3.99 -14.95
CA PRO A 215 -5.67 -4.99 -15.60
C PRO A 215 -4.36 -5.26 -14.88
N ASP A 216 -4.22 -4.73 -13.69
CA ASP A 216 -3.02 -5.06 -12.89
C ASP A 216 -1.77 -4.54 -13.59
N THR A 217 -1.81 -3.31 -13.95
CA THR A 217 -0.59 -2.68 -14.44
C THR A 217 -0.69 -1.22 -14.13
N ALA A 218 0.45 -0.58 -14.36
CA ALA A 218 0.48 0.88 -14.26
C ALA A 218 -0.48 1.48 -15.25
N TYR A 219 -1.12 2.58 -14.92
CA TYR A 219 -1.99 3.38 -15.79
C TYR A 219 -1.29 3.60 -17.12
N ASN A 220 -2.02 3.34 -18.20
CA ASN A 220 -1.52 3.71 -19.57
C ASN A 220 -2.74 3.76 -20.49
N THR A 221 -2.59 4.38 -21.65
CA THR A 221 -3.70 4.63 -22.57
C THR A 221 -3.92 3.42 -23.48
N LYS A 222 -2.88 2.63 -23.67
CA LYS A 222 -3.01 1.53 -24.65
C LYS A 222 -3.53 0.26 -23.98
N TRP A 223 -3.53 0.16 -22.67
CA TRP A 223 -3.95 -1.07 -21.95
C TRP A 223 -5.06 -0.74 -20.96
N LEU A 224 -4.75 0.11 -19.97
CA LEU A 224 -5.69 0.21 -18.83
C LEU A 224 -6.97 0.90 -19.26
N VAL A 225 -6.85 2.00 -20.03
CA VAL A 225 -8.06 2.71 -20.48
C VAL A 225 -8.98 1.80 -21.28
N PRO A 226 -8.50 1.11 -22.32
CA PRO A 226 -9.38 0.24 -23.08
C PRO A 226 -9.89 -0.97 -22.29
N PHE A 227 -9.08 -1.41 -21.35
CA PHE A 227 -9.53 -2.51 -20.45
C PHE A 227 -10.77 -2.08 -19.72
N ALA A 228 -10.76 -0.90 -19.14
CA ALA A 228 -11.89 -0.41 -18.36
C ALA A 228 -13.10 -0.25 -19.26
N ASP A 229 -12.87 0.28 -20.44
CA ASP A 229 -14.03 0.49 -21.36
C ASP A 229 -14.64 -0.86 -21.77
N LYS A 230 -13.83 -1.85 -22.06
CA LYS A 230 -14.34 -3.13 -22.61
C LYS A 230 -14.93 -3.98 -21.49
N PHE A 231 -14.33 -3.97 -20.29
CA PHE A 231 -14.65 -4.98 -19.26
C PHE A 231 -15.28 -4.34 -18.04
N LYS A 232 -15.85 -3.14 -18.15
CA LYS A 232 -16.40 -2.46 -16.96
C LYS A 232 -17.53 -3.27 -16.32
N HIS A 233 -18.31 -4.05 -17.05
CA HIS A 233 -19.40 -4.79 -16.43
C HIS A 233 -18.89 -6.11 -15.85
N ASP A 234 -17.65 -6.47 -16.12
CA ASP A 234 -17.07 -7.77 -15.74
C ASP A 234 -16.09 -7.66 -14.59
N VAL A 235 -15.76 -6.45 -14.15
CA VAL A 235 -14.80 -6.27 -13.02
C VAL A 235 -15.44 -5.44 -11.94
N LYS A 236 -14.96 -5.59 -10.75
CA LYS A 236 -15.41 -4.80 -9.63
C LYS A 236 -14.66 -3.50 -9.50
N PHE A 237 -13.41 -3.46 -9.86
CA PHE A 237 -12.58 -2.26 -9.74
C PHE A 237 -11.41 -2.41 -10.68
N ILE A 238 -10.78 -1.29 -10.89
CA ILE A 238 -9.51 -1.18 -11.62
C ILE A 238 -8.37 -1.36 -10.65
N SER A 239 -7.44 -2.16 -11.07
CA SER A 239 -6.19 -2.46 -10.34
C SER A 239 -5.04 -1.85 -11.11
N SER A 240 -4.38 -0.93 -10.48
CA SER A 240 -3.21 -0.18 -10.99
C SER A 240 -1.95 -0.55 -10.22
N HIS A 241 -0.81 -0.31 -10.83
CA HIS A 241 0.48 -0.44 -10.19
C HIS A 241 1.20 0.90 -10.19
N TYR A 242 2.12 1.11 -9.31
CA TYR A 242 2.90 2.36 -9.31
C TYR A 242 4.20 2.09 -8.61
N TYR A 243 5.30 2.43 -9.24
CA TYR A 243 6.61 2.51 -8.61
C TYR A 243 7.16 3.90 -8.79
N ALA A 244 7.68 4.50 -7.76
CA ALA A 244 8.24 5.87 -7.85
C ALA A 244 9.39 5.87 -8.83
N GLU A 245 10.21 4.86 -8.83
CA GLU A 245 11.31 4.72 -9.81
C GLU A 245 10.67 4.66 -11.18
N GLY A 246 11.15 5.48 -12.12
CA GLY A 246 10.74 5.36 -13.51
C GLY A 246 11.44 4.25 -14.27
N PRO A 247 11.31 4.26 -15.61
CA PRO A 247 12.11 3.39 -16.47
C PRO A 247 13.61 3.56 -16.22
N PRO A 248 14.42 2.55 -16.58
CA PRO A 248 15.85 2.52 -16.23
C PRO A 248 16.57 3.66 -16.94
N THR A 249 15.90 4.26 -17.93
CA THR A 249 16.38 5.47 -18.65
C THR A 249 16.16 6.72 -17.80
N ASP A 250 14.96 6.94 -17.21
CA ASP A 250 14.65 8.11 -16.33
C ASP A 250 15.79 8.25 -15.32
N PRO A 251 15.99 9.45 -14.71
CA PRO A 251 17.09 9.63 -13.76
C PRO A 251 16.91 8.63 -12.59
N SER A 252 18.03 8.08 -12.13
CA SER A 252 18.10 7.01 -11.12
C SER A 252 17.43 7.46 -9.82
N MET A 253 16.82 6.51 -9.13
CA MET A 253 16.08 6.85 -7.90
C MET A 253 17.07 7.02 -6.75
N THR A 254 16.92 8.10 -6.02
CA THR A 254 17.69 8.43 -4.83
C THR A 254 16.69 8.81 -3.75
N ILE A 255 17.15 8.86 -2.53
CA ILE A 255 16.31 9.37 -1.44
C ILE A 255 15.82 10.78 -1.77
N GLU A 256 16.71 11.64 -2.24
CA GLU A 256 16.30 13.02 -2.56
C GLU A 256 15.14 13.03 -3.55
N ARG A 257 15.23 12.23 -4.59
CA ARG A 257 14.15 12.20 -5.58
C ARG A 257 12.88 11.58 -5.00
N LEU A 258 13.06 10.58 -4.16
CA LEU A 258 11.86 9.85 -3.59
C LEU A 258 11.04 10.80 -2.73
N MET A 259 11.63 11.81 -2.14
CA MET A 259 10.93 12.76 -1.28
C MET A 259 10.15 13.77 -2.10
N LYS A 260 10.45 13.90 -3.38
CA LYS A 260 9.85 14.98 -4.20
C LYS A 260 8.57 14.53 -4.83
N PRO A 261 7.69 15.43 -5.28
CA PRO A 261 6.53 15.04 -6.06
C PRO A 261 6.93 14.26 -7.30
N ASN A 262 6.06 13.36 -7.71
CA ASN A 262 6.29 12.53 -8.89
C ASN A 262 5.21 12.88 -9.91
N PRO A 263 5.54 13.64 -10.97
CA PRO A 263 4.48 14.08 -11.87
C PRO A 263 3.82 12.92 -12.60
N ARG A 264 4.51 11.83 -12.79
CA ARG A 264 3.91 10.63 -13.41
C ARG A 264 2.79 10.12 -12.49
N LEU A 265 3.03 10.11 -11.19
CA LEU A 265 2.00 9.64 -10.25
C LEU A 265 0.76 10.52 -10.37
N LEU A 266 0.98 11.82 -10.32
CA LEU A 266 -0.16 12.72 -10.38
C LEU A 266 -0.96 12.52 -11.68
N GLY A 267 -0.25 12.33 -12.74
CA GLY A 267 -0.93 12.15 -14.04
C GLY A 267 -1.68 10.83 -14.11
N GLU A 268 -1.01 9.76 -13.67
CA GLU A 268 -1.67 8.45 -13.69
C GLU A 268 -2.86 8.43 -12.77
N THR A 269 -2.76 9.07 -11.63
CA THR A 269 -3.88 9.11 -10.73
C THR A 269 -5.07 9.84 -11.37
N ALA A 270 -4.78 11.00 -11.99
CA ALA A 270 -5.83 11.72 -12.74
C ALA A 270 -6.39 10.80 -13.81
N GLY A 271 -5.59 10.03 -14.49
CA GLY A 271 -6.11 9.08 -15.47
C GLY A 271 -7.09 8.13 -14.86
N LEU A 272 -6.74 7.59 -13.67
CA LEU A 272 -7.62 6.62 -12.99
C LEU A 272 -8.92 7.28 -12.56
N LYS A 273 -8.83 8.52 -12.09
CA LYS A 273 -10.06 9.25 -11.77
C LYS A 273 -10.97 9.47 -12.98
N GLN A 274 -10.38 9.68 -14.15
CA GLN A 274 -11.19 9.86 -15.36
C GLN A 274 -11.79 8.51 -15.77
N VAL A 275 -11.03 7.42 -15.64
CA VAL A 275 -11.60 6.08 -15.86
C VAL A 275 -12.78 5.88 -14.93
N GLU A 276 -12.65 6.20 -13.65
CA GLU A 276 -13.75 6.04 -12.72
C GLU A 276 -14.95 6.88 -13.20
N ALA A 277 -14.73 8.11 -13.59
CA ALA A 277 -15.84 8.94 -14.06
C ALA A 277 -16.47 8.29 -15.27
N ASP A 278 -15.72 7.73 -16.17
CA ASP A 278 -16.22 7.22 -17.47
C ASP A 278 -16.96 5.91 -17.29
N THR A 279 -16.48 5.06 -16.37
CA THR A 279 -16.93 3.64 -16.31
C THR A 279 -17.62 3.34 -15.02
N GLY A 280 -17.53 4.16 -14.00
CA GLY A 280 -17.99 3.84 -12.66
C GLY A 280 -17.04 2.99 -11.86
N LEU A 281 -15.92 2.56 -12.41
CA LEU A 281 -15.06 1.62 -11.66
C LEU A 281 -14.16 2.40 -10.72
N PRO A 282 -14.18 2.05 -9.41
CA PRO A 282 -13.17 2.59 -8.53
C PRO A 282 -11.80 2.01 -8.83
N PHE A 283 -10.77 2.55 -8.22
CA PHE A 283 -9.39 2.06 -8.45
C PHE A 283 -8.73 1.75 -7.15
N ARG A 284 -7.86 0.77 -7.18
CA ARG A 284 -7.01 0.38 -6.04
C ARG A 284 -5.62 0.22 -6.59
N LEU A 285 -4.63 0.65 -5.85
CA LEU A 285 -3.23 0.52 -6.21
C LEU A 285 -2.74 -0.82 -5.70
N THR A 286 -2.87 -1.84 -6.50
CA THR A 286 -2.69 -3.23 -6.03
C THR A 286 -1.26 -3.68 -6.02
N GLU A 287 -0.32 -2.89 -6.52
CA GLU A 287 1.10 -3.22 -6.41
C GLU A 287 1.88 -1.93 -6.44
N THR A 288 2.55 -1.59 -5.38
CA THR A 288 3.34 -0.39 -5.35
C THR A 288 4.56 -0.60 -4.51
N ASN A 289 5.64 0.06 -4.86
CA ASN A 289 6.72 0.30 -3.90
C ASN A 289 7.63 1.36 -4.49
N SER A 290 8.71 1.62 -3.82
CA SER A 290 9.61 2.77 -4.12
C SER A 290 10.31 2.50 -5.43
N CYS A 291 10.87 1.33 -5.57
CA CYS A 291 11.72 0.90 -6.69
C CYS A 291 11.30 -0.52 -7.06
N TYR A 292 11.43 -0.91 -8.31
CA TYR A 292 10.89 -2.22 -8.69
C TYR A 292 11.99 -3.28 -8.51
N GLN A 293 11.59 -4.52 -8.79
CA GLN A 293 12.56 -5.64 -8.85
C GLN A 293 13.25 -5.79 -7.51
N GLY A 294 12.45 -5.86 -6.45
CA GLY A 294 12.93 -6.15 -5.09
C GLY A 294 13.34 -4.87 -4.41
N GLY A 295 13.46 -3.74 -5.13
CA GLY A 295 13.84 -2.47 -4.53
C GLY A 295 15.30 -2.14 -4.74
N LYS A 296 15.71 -0.98 -4.27
CA LYS A 296 17.07 -0.47 -4.43
C LYS A 296 17.69 -0.32 -3.04
N GLN A 297 18.80 -0.98 -2.80
CA GLN A 297 19.49 -0.89 -1.53
C GLN A 297 19.98 0.53 -1.31
N GLY A 298 19.71 1.08 -0.15
CA GLY A 298 20.08 2.43 0.22
C GLY A 298 18.98 3.41 -0.12
N VAL A 299 17.85 2.95 -0.65
CA VAL A 299 16.66 3.78 -0.86
C VAL A 299 15.47 3.04 -0.27
N SER A 300 15.13 1.90 -0.85
CA SER A 300 13.87 1.21 -0.53
C SER A 300 13.90 0.69 0.91
N ASP A 301 15.07 0.33 1.42
CA ASP A 301 15.19 -0.29 2.76
C ASP A 301 15.51 0.73 3.84
N THR A 302 15.22 2.00 3.59
CA THR A 302 15.61 3.09 4.48
C THR A 302 14.41 3.78 5.08
N PHE A 303 14.69 4.56 6.12
CA PHE A 303 13.68 5.37 6.77
C PHE A 303 12.98 6.27 5.75
N ALA A 304 13.65 6.76 4.73
CA ALA A 304 12.99 7.60 3.72
C ALA A 304 11.83 6.83 3.13
N ALA A 305 11.90 5.54 2.96
CA ALA A 305 10.76 4.78 2.44
C ALA A 305 9.55 4.82 3.38
N ALA A 306 9.75 4.95 4.69
CA ALA A 306 8.62 5.13 5.62
C ALA A 306 7.92 6.42 5.29
N LEU A 307 8.66 7.51 5.16
CA LEU A 307 8.11 8.83 4.88
C LEU A 307 7.39 8.76 3.53
N TRP A 308 8.02 8.16 2.55
CA TRP A 308 7.44 8.05 1.20
C TRP A 308 6.15 7.26 1.25
N ALA A 309 6.16 6.12 1.89
CA ALA A 309 5.01 5.21 1.88
C ALA A 309 3.89 5.82 2.64
N GLY A 310 4.11 6.35 3.82
CA GLY A 310 3.04 6.95 4.59
C GLY A 310 2.41 8.08 3.82
N ASP A 311 3.24 8.96 3.27
CA ASP A 311 2.72 10.07 2.49
C ASP A 311 1.97 9.58 1.28
N LEU A 312 2.45 8.56 0.57
CA LEU A 312 1.76 8.01 -0.59
C LEU A 312 0.38 7.50 -0.22
N MET A 313 0.27 6.84 0.92
CA MET A 313 -1.04 6.32 1.31
C MET A 313 -2.02 7.47 1.38
N TYR A 314 -1.64 8.55 2.04
CA TYR A 314 -2.55 9.71 2.16
C TYR A 314 -2.75 10.42 0.83
N GLN A 315 -1.73 10.60 0.06
CA GLN A 315 -1.85 11.29 -1.22
C GLN A 315 -2.88 10.55 -2.04
N GLN A 316 -2.79 9.24 -2.12
CA GLN A 316 -3.70 8.45 -2.95
C GLN A 316 -5.08 8.36 -2.35
N ALA A 317 -5.20 8.36 -1.04
CA ALA A 317 -6.53 8.36 -0.38
C ALA A 317 -7.21 9.71 -0.71
N ALA A 318 -6.46 10.78 -0.64
CA ALA A 318 -7.01 12.12 -0.92
C ALA A 318 -7.41 12.20 -2.35
N ALA A 319 -6.83 11.42 -3.24
CA ALA A 319 -7.16 11.40 -4.67
C ALA A 319 -8.35 10.50 -4.96
N GLY A 320 -8.85 9.76 -4.03
CA GLY A 320 -10.03 8.90 -4.12
C GLY A 320 -9.70 7.44 -4.39
N SER A 321 -8.47 7.00 -4.19
CA SER A 321 -8.15 5.58 -4.32
C SER A 321 -8.87 4.77 -3.25
N THR A 322 -9.28 3.58 -3.55
CA THR A 322 -9.91 2.71 -2.57
C THR A 322 -8.87 1.97 -1.71
N GLY A 323 -7.60 1.97 -2.06
CA GLY A 323 -6.64 1.26 -1.22
C GLY A 323 -5.33 1.07 -1.91
N ILE A 324 -4.48 0.35 -1.24
CA ILE A 324 -3.07 0.25 -1.59
C ILE A 324 -2.50 -1.09 -1.18
N ASN A 325 -1.51 -1.56 -1.91
CA ASN A 325 -0.87 -2.83 -1.57
C ASN A 325 0.60 -2.67 -1.84
N PHE A 326 1.38 -2.55 -0.78
CA PHE A 326 2.81 -2.40 -0.94
C PHE A 326 3.48 -3.75 -1.16
N HIS A 327 4.22 -3.87 -2.23
CA HIS A 327 4.81 -5.14 -2.65
C HIS A 327 6.00 -5.50 -1.78
N GLY A 328 6.14 -6.77 -1.52
CA GLY A 328 7.18 -7.21 -0.60
C GLY A 328 7.30 -8.70 -0.64
N GLY A 329 7.93 -9.21 0.41
CA GLY A 329 8.25 -10.64 0.54
C GLY A 329 9.71 -10.82 0.81
N GLY A 330 10.05 -11.99 1.31
CA GLY A 330 11.42 -12.42 1.60
C GLY A 330 12.10 -11.39 2.44
N TYR A 331 13.27 -11.01 1.97
CA TYR A 331 14.09 -9.97 2.58
C TYR A 331 14.37 -8.88 1.55
N GLY A 332 13.44 -8.74 0.61
CA GLY A 332 13.59 -7.76 -0.47
C GLY A 332 13.84 -6.38 0.09
N TRP A 333 14.65 -5.60 -0.60
CA TRP A 333 14.96 -4.26 -0.15
C TRP A 333 13.70 -3.47 0.19
N TYR A 334 12.64 -3.63 -0.60
CA TYR A 334 11.47 -2.79 -0.36
C TYR A 334 10.40 -3.43 0.52
N THR A 335 10.64 -4.59 1.10
CA THR A 335 9.51 -5.26 1.76
C THR A 335 9.13 -4.57 3.07
N PRO A 336 7.84 -4.35 3.32
CA PRO A 336 7.42 -3.84 4.62
C PRO A 336 7.80 -4.76 5.78
N VAL A 337 7.52 -6.03 5.57
CA VAL A 337 7.81 -7.06 6.59
C VAL A 337 8.78 -8.00 5.96
N ALA A 338 9.89 -8.28 6.63
CA ALA A 338 10.92 -9.22 6.20
C ALA A 338 10.88 -10.46 7.05
N GLY A 339 11.27 -11.59 6.49
CA GLY A 339 11.56 -12.77 7.32
C GLY A 339 10.92 -14.01 6.74
N THR A 340 10.96 -15.05 7.55
CA THR A 340 10.50 -16.41 7.17
C THR A 340 9.84 -17.01 8.37
N PRO A 341 9.00 -18.05 8.21
CA PRO A 341 8.43 -18.70 9.39
C PRO A 341 9.46 -19.36 10.32
N GLU A 342 10.56 -19.80 9.75
CA GLU A 342 11.61 -20.51 10.55
C GLU A 342 12.45 -19.49 11.31
N ASP A 343 12.69 -18.35 10.71
CA ASP A 343 13.65 -17.37 11.25
C ASP A 343 12.94 -16.25 11.98
N GLY A 344 11.67 -16.08 11.72
CA GLY A 344 10.90 -14.98 12.27
C GLY A 344 10.87 -13.78 11.31
N PHE A 345 9.99 -12.89 11.68
CA PHE A 345 9.66 -11.73 10.85
C PHE A 345 9.95 -10.45 11.62
N ILE A 346 10.30 -9.41 10.88
N ILE A 346 10.24 -9.41 10.84
CA ILE A 346 10.53 -8.09 11.48
CA ILE A 346 10.75 -8.11 11.32
C ILE A 346 9.89 -7.04 10.59
C ILE A 346 10.08 -6.98 10.52
N ALA A 347 9.66 -5.90 11.19
CA ALA A 347 9.18 -4.69 10.47
C ALA A 347 10.39 -3.93 9.94
N ARG A 348 10.41 -3.74 8.64
CA ARG A 348 11.41 -2.91 7.98
C ARG A 348 10.98 -1.45 8.06
N PRO A 349 11.87 -0.52 7.71
CA PRO A 349 11.51 0.89 7.83
C PRO A 349 10.17 1.24 7.18
N GLU A 350 9.92 0.79 5.96
CA GLU A 350 8.69 1.22 5.27
C GLU A 350 7.46 0.88 6.10
N TYR A 351 7.47 -0.19 6.87
CA TYR A 351 6.33 -0.61 7.70
C TYR A 351 5.92 0.51 8.63
N TYR A 352 6.85 1.30 9.11
CA TYR A 352 6.56 2.33 10.09
C TYR A 352 5.74 3.45 9.45
N GLY A 353 5.90 3.73 8.18
CA GLY A 353 5.02 4.68 7.53
C GLY A 353 3.63 4.17 7.45
N MET A 354 3.47 2.89 7.13
CA MET A 354 2.15 2.26 7.14
C MET A 354 1.55 2.23 8.53
N LEU A 355 2.39 2.03 9.54
CA LEU A 355 1.93 2.03 10.94
C LEU A 355 1.36 3.41 11.34
N LEU A 356 1.98 4.46 10.90
CA LEU A 356 1.42 5.79 11.19
C LEU A 356 0.00 5.86 10.64
N PHE A 357 -0.17 5.44 9.41
CA PHE A 357 -1.52 5.47 8.79
C PHE A 357 -2.44 4.59 9.60
N ALA A 358 -1.99 3.44 10.03
CA ALA A 358 -2.84 2.53 10.78
C ALA A 358 -3.33 3.17 12.07
N GLN A 359 -2.44 3.88 12.74
CA GLN A 359 -2.74 4.46 14.07
C GLN A 359 -3.65 5.64 13.85
N ALA A 360 -3.57 6.33 12.75
CA ALA A 360 -4.48 7.45 12.46
C ALA A 360 -5.90 6.93 12.35
N GLY A 361 -6.08 5.79 11.72
CA GLY A 361 -7.39 5.23 11.43
C GLY A 361 -8.10 5.95 10.32
N ALA A 362 -9.29 5.48 10.05
CA ALA A 362 -10.11 5.89 8.91
C ALA A 362 -10.87 7.15 9.27
N GLY A 363 -11.55 7.71 8.29
CA GLY A 363 -12.33 8.92 8.51
C GLY A 363 -12.35 9.69 7.25
N GLN A 364 -12.72 10.95 7.33
CA GLN A 364 -12.88 11.77 6.14
C GLN A 364 -11.78 12.80 6.12
N LEU A 365 -11.07 12.88 5.03
CA LEU A 365 -10.03 13.89 4.83
C LEU A 365 -10.64 15.28 4.78
N LEU A 366 -9.89 16.22 5.27
CA LEU A 366 -10.28 17.65 5.40
C LEU A 366 -9.26 18.50 4.72
N GLY A 367 -9.58 19.72 4.41
CA GLY A 367 -8.62 20.66 3.85
C GLY A 367 -7.53 20.94 4.87
N ALA A 368 -6.31 20.96 4.37
CA ALA A 368 -5.12 21.22 5.18
C ALA A 368 -4.13 21.93 4.27
N LYS A 369 -4.15 23.24 4.32
CA LYS A 369 -3.37 24.10 3.39
C LYS A 369 -2.11 24.57 4.11
N LEU A 370 -1.00 24.38 3.46
CA LEU A 370 0.29 24.86 3.95
C LEU A 370 0.58 26.22 3.31
N THR A 371 1.16 27.10 4.10
CA THR A 371 1.59 28.44 3.65
C THR A 371 3.00 28.69 4.15
N ASP A 372 3.68 29.69 3.55
CA ASP A 372 5.02 30.17 3.98
C ASP A 372 5.98 28.98 3.95
N ASN A 373 5.76 28.07 2.99
CA ASN A 373 6.44 26.75 2.99
C ASN A 373 7.36 26.58 1.80
N SER A 374 7.67 27.63 1.03
CA SER A 374 8.53 27.48 -0.16
C SER A 374 9.93 26.99 0.23
N ALA A 375 10.41 27.32 1.41
CA ALA A 375 11.75 26.89 1.90
C ALA A 375 11.68 25.50 2.54
N ALA A 376 10.49 24.91 2.65
CA ALA A 376 10.33 23.54 3.17
C ALA A 376 9.28 22.85 2.29
N PRO A 377 9.52 22.80 0.98
CA PRO A 377 8.47 22.45 0.04
C PRO A 377 8.04 20.97 0.08
N LEU A 378 8.85 20.12 0.71
CA LEU A 378 8.55 18.67 0.68
C LEU A 378 7.83 18.31 1.96
N LEU A 379 7.45 19.21 2.83
CA LEU A 379 6.52 18.93 3.92
C LEU A 379 5.14 18.73 3.34
N THR A 380 4.49 17.62 3.69
CA THR A 380 3.07 17.36 3.36
C THR A 380 2.29 17.21 4.64
N ALA A 381 0.99 17.49 4.55
CA ALA A 381 0.12 17.37 5.70
C ALA A 381 -1.26 16.97 5.23
N TYR A 382 -1.90 16.14 6.01
CA TYR A 382 -3.26 15.66 5.75
C TYR A 382 -4.03 15.74 7.02
N ALA A 383 -5.22 16.30 6.97
CA ALA A 383 -6.11 16.38 8.12
C ALA A 383 -7.26 15.42 7.92
N LEU A 384 -7.73 14.84 9.02
CA LEU A 384 -8.71 13.76 8.98
C LEU A 384 -9.70 13.95 10.10
N ARG A 385 -10.99 13.91 9.81
CA ARG A 385 -12.02 13.72 10.83
C ARG A 385 -12.22 12.23 11.04
N GLY A 386 -11.65 11.74 12.11
CA GLY A 386 -11.67 10.29 12.33
C GLY A 386 -13.07 9.79 12.53
N THR A 387 -13.26 8.52 12.28
CA THR A 387 -14.57 7.88 12.50
C THR A 387 -14.96 8.04 13.96
N ASP A 388 -14.04 8.15 14.91
CA ASP A 388 -14.37 8.37 16.33
C ASP A 388 -14.66 9.84 16.62
N GLY A 389 -14.69 10.72 15.62
CA GLY A 389 -15.04 12.15 15.72
C GLY A 389 -13.82 12.99 16.05
N ARG A 390 -12.64 12.44 16.34
CA ARG A 390 -11.46 13.26 16.68
C ARG A 390 -10.71 13.68 15.42
N THR A 391 -10.18 14.87 15.41
CA THR A 391 -9.35 15.36 14.34
C THR A 391 -7.95 14.80 14.50
N ARG A 392 -7.41 14.34 13.39
CA ARG A 392 -5.99 13.92 13.32
C ARG A 392 -5.32 14.67 12.20
N ILE A 393 -4.01 14.86 12.33
CA ILE A 393 -3.21 15.42 11.24
C ILE A 393 -1.98 14.55 11.09
N ALA A 394 -1.76 14.06 9.89
CA ALA A 394 -0.53 13.31 9.53
C ALA A 394 0.36 14.26 8.78
N LEU A 395 1.57 14.42 9.25
CA LEU A 395 2.55 15.29 8.61
C LEU A 395 3.79 14.49 8.23
N PHE A 396 4.32 14.77 7.07
CA PHE A 396 5.55 14.14 6.60
C PHE A 396 6.51 15.25 6.25
N ASN A 397 7.48 15.48 7.11
CA ASN A 397 8.54 16.47 6.84
C ASN A 397 9.58 15.77 6.00
N LYS A 398 9.34 15.69 4.69
N LYS A 398 9.34 15.69 4.69
CA LYS A 398 10.23 14.98 3.78
CA LYS A 398 10.22 14.98 3.76
C LYS A 398 11.40 15.86 3.36
C LYS A 398 11.39 15.87 3.34
N ASN A 399 11.43 17.10 3.82
CA ASN A 399 12.62 17.94 3.58
C ASN A 399 13.83 17.29 4.27
N LEU A 400 14.87 16.98 3.50
CA LEU A 400 16.04 16.30 4.10
C LEU A 400 16.95 17.25 4.84
N ASP A 401 16.79 18.55 4.64
CA ASP A 401 17.75 19.45 5.34
C ASP A 401 17.01 20.58 6.03
N ALA A 402 15.69 20.63 6.11
CA ALA A 402 14.98 21.70 6.82
C ALA A 402 14.13 21.15 7.94
N ASP A 403 14.37 21.55 9.15
CA ASP A 403 13.41 21.40 10.23
C ASP A 403 12.26 22.37 9.97
N VAL A 404 11.11 22.09 10.51
CA VAL A 404 9.95 22.97 10.34
C VAL A 404 9.33 23.23 11.69
N GLU A 405 8.69 24.39 11.75
CA GLU A 405 7.85 24.79 12.87
C GLU A 405 6.50 25.12 12.26
N VAL A 406 5.51 24.31 12.61
CA VAL A 406 4.17 24.37 11.98
C VAL A 406 3.19 25.03 12.92
N ALA A 407 2.69 26.19 12.49
CA ALA A 407 1.62 26.90 13.20
C ALA A 407 0.28 26.43 12.65
N ILE A 408 -0.42 25.71 13.49
CA ILE A 408 -1.65 24.99 13.07
C ILE A 408 -2.86 25.79 13.53
N SER A 409 -3.64 26.20 12.56
CA SER A 409 -4.89 26.94 12.81
C SER A 409 -6.02 26.06 12.31
N GLY A 410 -7.23 26.32 12.79
CA GLY A 410 -8.45 25.69 12.31
C GLY A 410 -8.85 24.50 13.13
N VAL A 411 -8.11 24.19 14.19
CA VAL A 411 -8.43 23.11 15.11
C VAL A 411 -8.73 23.73 16.47
N ALA A 412 -9.90 23.45 17.01
CA ALA A 412 -10.31 23.84 18.36
C ALA A 412 -10.36 22.60 19.23
N SER A 413 -9.42 22.46 20.15
CA SER A 413 -9.30 21.30 21.02
C SER A 413 -8.58 21.74 22.29
N PRO A 414 -8.96 21.14 23.43
CA PRO A 414 -8.24 21.42 24.66
C PRO A 414 -6.87 20.71 24.71
N SER A 415 -6.59 19.74 23.84
CA SER A 415 -5.36 18.92 24.00
C SER A 415 -5.03 18.16 22.72
N GLY A 416 -3.82 18.35 22.27
CA GLY A 416 -3.31 17.57 21.12
C GLY A 416 -2.10 16.79 21.58
N THR A 417 -1.99 15.57 21.06
CA THR A 417 -0.77 14.76 21.34
C THR A 417 -0.11 14.48 20.00
N VAL A 418 1.19 14.20 20.02
CA VAL A 418 1.94 13.86 18.79
C VAL A 418 2.65 12.54 19.00
N LEU A 419 2.59 11.71 18.00
CA LEU A 419 3.41 10.49 17.89
C LEU A 419 4.36 10.74 16.74
N ARG A 420 5.64 10.60 16.94
CA ARG A 420 6.62 10.95 15.93
C ARG A 420 7.11 9.69 15.25
N LEU A 421 7.36 9.82 13.98
CA LEU A 421 7.95 8.80 13.09
C LEU A 421 9.36 9.26 12.83
N GLU A 422 10.34 8.53 13.35
CA GLU A 422 11.71 9.06 13.49
C GLU A 422 12.79 8.01 13.16
N ALA A 423 13.87 8.52 12.62
CA ALA A 423 15.12 7.79 12.56
C ALA A 423 16.22 8.84 12.56
N PRO A 424 17.45 8.49 12.97
CA PRO A 424 18.48 9.52 13.10
C PRO A 424 18.97 10.01 11.75
N ARG A 425 18.76 9.28 10.68
CA ARG A 425 19.19 9.72 9.33
C ARG A 425 18.20 9.16 8.34
N ALA A 426 18.05 9.85 7.23
CA ALA A 426 17.02 9.49 6.26
C ALA A 426 17.35 8.17 5.61
N ASP A 427 18.64 7.83 5.53
CA ASP A 427 19.09 6.60 4.87
C ASP A 427 19.29 5.49 5.90
N ASP A 428 18.82 5.62 7.10
CA ASP A 428 19.01 4.54 8.09
C ASP A 428 18.22 3.32 7.65
N THR A 429 18.78 2.16 7.85
CA THR A 429 18.14 0.86 7.59
C THR A 429 17.52 0.31 8.85
N THR A 430 17.72 0.96 9.96
CA THR A 430 17.25 0.52 11.27
C THR A 430 17.07 1.80 12.08
N ASP A 431 16.94 1.66 13.36
CA ASP A 431 16.80 2.80 14.27
C ASP A 431 15.51 3.57 13.98
N VAL A 432 14.51 2.90 13.47
CA VAL A 432 13.24 3.58 13.14
C VAL A 432 12.27 3.32 14.27
N THR A 433 11.66 4.39 14.76
CA THR A 433 10.63 4.27 15.80
C THR A 433 9.37 5.04 15.40
N PHE A 434 8.27 4.67 16.01
CA PHE A 434 7.04 5.47 15.91
C PHE A 434 6.50 5.56 17.31
N GLY A 435 6.16 6.78 17.73
CA GLY A 435 5.66 6.94 19.09
C GLY A 435 6.68 6.54 20.12
N GLY A 436 7.94 6.71 19.78
CA GLY A 436 9.06 6.41 20.72
C GLY A 436 9.29 4.94 20.93
N ALA A 437 8.86 4.06 20.04
CA ALA A 437 9.04 2.62 20.21
C ALA A 437 9.25 1.97 18.86
N PRO A 438 10.09 0.94 18.79
CA PRO A 438 10.10 0.07 17.63
C PRO A 438 8.87 -0.83 17.69
N VAL A 439 8.59 -1.42 16.54
CA VAL A 439 7.67 -2.57 16.44
C VAL A 439 8.44 -3.78 16.96
N GLY A 440 7.79 -4.62 17.68
CA GLY A 440 8.44 -5.82 18.22
C GLY A 440 8.07 -7.03 17.43
N ALA A 441 8.11 -8.15 18.09
CA ALA A 441 7.81 -9.42 17.46
C ALA A 441 6.33 -9.48 17.13
N SER A 442 6.06 -10.11 16.00
CA SER A 442 4.65 -10.39 15.63
C SER A 442 3.84 -9.13 15.51
N GLY A 443 4.46 -8.03 15.15
CA GLY A 443 3.74 -6.78 14.93
C GLY A 443 3.41 -6.06 16.21
N SER A 444 3.90 -6.50 17.35
CA SER A 444 3.55 -5.82 18.63
C SER A 444 4.02 -4.37 18.58
N TRP A 445 3.15 -3.43 18.92
CA TRP A 445 3.55 -2.04 18.97
C TRP A 445 2.63 -1.32 19.92
N SER A 446 3.19 -0.44 20.72
CA SER A 446 2.39 0.54 21.47
C SER A 446 3.28 1.73 21.68
N PRO A 447 2.71 2.92 21.77
CA PRO A 447 3.53 4.10 21.95
C PRO A 447 4.14 4.11 23.35
N LEU A 448 5.35 4.67 23.43
CA LEU A 448 6.05 4.76 24.72
C LEU A 448 6.40 6.19 25.06
N VAL A 449 6.19 7.12 24.18
CA VAL A 449 6.53 8.54 24.51
C VAL A 449 5.29 9.40 24.40
N GLN A 450 4.89 10.13 25.44
CA GLN A 450 3.70 11.01 25.32
C GLN A 450 4.22 12.43 25.12
N GLU A 451 3.77 13.10 24.07
CA GLU A 451 4.24 14.49 23.85
C GLU A 451 2.98 15.28 23.54
N TYR A 452 2.75 16.35 24.27
CA TYR A 452 1.62 17.26 23.94
C TYR A 452 2.12 18.26 22.93
N VAL A 453 1.21 18.77 22.08
CA VAL A 453 1.52 19.84 21.12
C VAL A 453 1.20 21.15 21.83
N PRO A 454 2.17 22.08 21.98
CA PRO A 454 1.85 23.37 22.61
C PRO A 454 0.71 24.12 21.90
N GLY A 455 -0.24 24.62 22.69
CA GLY A 455 -1.46 25.34 22.25
C GLY A 455 -1.55 26.70 22.89
N HIS A 456 -1.88 27.72 22.10
CA HIS A 456 -2.06 29.12 22.56
C HIS A 456 -2.93 29.84 21.53
N SER A 457 -3.91 30.63 21.97
CA SER A 457 -4.77 31.45 21.07
C SER A 457 -5.48 30.56 20.03
N GLY A 458 -5.96 29.37 20.42
CA GLY A 458 -6.76 28.46 19.55
C GLY A 458 -5.91 27.77 18.49
N GLN A 459 -4.60 27.97 18.53
CA GLN A 459 -3.61 27.45 17.58
C GLN A 459 -2.66 26.53 18.34
N PHE A 460 -1.95 25.75 17.56
CA PHE A 460 -0.94 24.82 18.06
C PHE A 460 0.34 25.09 17.28
N VAL A 461 1.45 24.74 17.91
CA VAL A 461 2.76 24.86 17.25
C VAL A 461 3.54 23.57 17.39
N LEU A 462 3.82 22.98 16.24
CA LEU A 462 4.51 21.67 16.19
C LEU A 462 5.86 21.87 15.54
N HIS A 463 6.93 21.48 16.18
CA HIS A 463 8.25 21.37 15.54
C HIS A 463 8.39 19.97 14.97
N MET A 464 9.06 19.90 13.85
CA MET A 464 9.47 18.59 13.31
C MET A 464 10.90 18.71 12.81
N ARG A 465 11.69 17.71 13.13
CA ARG A 465 13.02 17.61 12.53
C ARG A 465 12.90 17.37 11.03
N LYS A 466 13.92 17.72 10.30
CA LYS A 466 14.14 17.31 8.95
C LYS A 466 13.94 15.78 8.89
N ALA A 467 13.39 15.33 7.81
CA ALA A 467 13.20 13.90 7.52
C ALA A 467 12.54 13.23 8.71
N SER A 468 11.32 13.59 9.01
CA SER A 468 10.59 12.98 10.12
C SER A 468 9.10 13.03 9.80
N GLY A 469 8.31 12.29 10.53
CA GLY A 469 6.85 12.32 10.38
C GLY A 469 6.20 12.52 11.71
N ALA A 470 4.93 12.84 11.69
CA ALA A 470 4.17 13.07 12.93
C ALA A 470 2.73 12.73 12.72
N LEU A 471 2.12 12.22 13.74
CA LEU A 471 0.66 12.02 13.78
C LEU A 471 0.17 12.78 14.98
N LEU A 472 -0.72 13.70 14.71
CA LEU A 472 -1.33 14.50 15.78
C LEU A 472 -2.73 14.02 16.00
N GLU A 473 -3.14 13.95 17.22
CA GLU A 473 -4.50 13.57 17.61
C GLU A 473 -5.03 14.62 18.58
N PHE A 474 -6.21 15.15 18.28
CA PHE A 474 -6.80 16.23 19.11
C PHE A 474 -7.98 15.64 19.82
N ALA A 475 -8.10 15.99 21.22
CA ALA A 475 -9.28 15.56 21.98
C ALA A 475 -10.54 16.34 21.56
#